data_5Z81
#
_entry.id   5Z81
#
_cell.length_a   53.650
_cell.length_b   90.280
_cell.length_c   81.090
_cell.angle_alpha   90.00
_cell.angle_beta   103.92
_cell.angle_gamma   90.00
#
_symmetry.space_group_name_H-M   'C 1 2 1'
#
loop_
_entity.id
_entity.type
_entity.pdbx_description
1 polymer 'Heat shock protein 15'
2 non-polymer 'SULFATE ION'
3 non-polymer (4S)-2-METHYL-2,4-PENTANEDIOL
4 water water
#
_entity_poly.entity_id   1
_entity_poly.type   'polypeptide(L)'
_entity_poly.pdbx_seq_one_letter_code
;MAMSSSAEEVRLDKWLWAARFYKTRSLARNMVEGGKVHYNGQRAKPSKSVEIGAQITLRQGHDEKTIIIEKISDQRRGAP
EAQQLYRETAKSITKRERNAMMRQLNPSPDRRPDKKQRRDLLKFIHQ
;
_entity_poly.pdbx_strand_id   A,B,C
#
loop_
_chem_comp.id
_chem_comp.type
_chem_comp.name
_chem_comp.formula
MPD non-polymer (4S)-2-METHYL-2,4-PENTANEDIOL 'C6 H14 O2'
SO4 non-polymer 'SULFATE ION' 'O4 S -2'
#
# COMPACT_ATOMS: atom_id res chain seq x y z
N GLU A 8 -10.74 21.45 -0.94
CA GLU A 8 -9.51 21.70 -0.16
C GLU A 8 -8.28 21.89 -1.06
N GLU A 9 -7.69 23.09 -1.03
CA GLU A 9 -6.47 23.42 -1.80
C GLU A 9 -5.24 23.59 -0.89
N VAL A 10 -4.26 22.69 -1.06
CA VAL A 10 -3.11 22.56 -0.17
C VAL A 10 -1.75 22.55 -0.86
N ARG A 11 -0.81 23.28 -0.27
CA ARG A 11 0.54 23.29 -0.77
C ARG A 11 1.26 22.01 -0.52
N LEU A 12 2.18 21.77 -1.47
CA LEU A 12 3.12 20.68 -1.44
C LEU A 12 3.82 20.83 -0.10
N ASP A 13 4.15 22.08 0.21
CA ASP A 13 4.69 22.50 1.49
C ASP A 13 3.98 21.97 2.72
N LYS A 14 2.76 22.47 2.85
CA LYS A 14 1.89 22.13 3.94
C LYS A 14 1.60 20.65 3.94
N TRP A 15 1.35 20.10 2.74
CA TRP A 15 1.02 18.68 2.64
C TRP A 15 2.14 17.79 3.18
N LEU A 16 3.36 18.07 2.74
CA LEU A 16 4.52 17.32 3.17
C LEU A 16 4.67 17.37 4.67
N TRP A 17 4.42 18.55 5.23
CA TRP A 17 4.40 18.75 6.67
C TRP A 17 3.22 18.04 7.37
N ALA A 18 2.01 18.18 6.85
CA ALA A 18 0.84 17.52 7.46
C ALA A 18 1.01 15.99 7.57
N ALA A 19 1.69 15.41 6.58
CA ALA A 19 1.94 13.95 6.47
C ALA A 19 3.14 13.52 7.33
N ARG A 20 3.76 14.52 7.97
CA ARG A 20 4.84 14.34 8.93
C ARG A 20 6.15 13.82 8.30
N PHE A 21 6.41 14.22 7.05
CA PHE A 21 7.65 13.88 6.36
C PHE A 21 8.80 14.75 6.83
N TYR A 22 8.57 16.06 6.92
CA TYR A 22 9.51 16.96 7.57
C TYR A 22 8.84 17.63 8.76
N LYS A 23 9.62 17.84 9.80
CA LYS A 23 9.13 18.21 11.13
C LYS A 23 8.55 19.63 11.19
N THR A 24 9.11 20.54 10.41
CA THR A 24 8.60 21.90 10.33
C THR A 24 8.13 22.21 8.93
N ARG A 25 7.25 23.20 8.86
CA ARG A 25 6.74 23.69 7.60
C ARG A 25 7.86 24.40 6.83
N SER A 26 8.81 25.02 7.53
CA SER A 26 9.92 25.69 6.88
C SER A 26 10.91 24.74 6.23
N LEU A 27 11.29 23.69 6.95
CA LEU A 27 12.16 22.63 6.43
C LEU A 27 11.58 22.03 5.15
N ALA A 28 10.27 21.85 5.11
CA ALA A 28 9.60 21.28 3.96
C ALA A 28 9.70 22.20 2.73
N ARG A 29 9.50 23.49 2.97
CA ARG A 29 9.58 24.50 1.92
C ARG A 29 11.00 24.59 1.40
N ASN A 30 11.96 24.48 2.31
CA ASN A 30 13.36 24.44 1.91
C ASN A 30 13.74 23.21 1.10
N MET A 31 13.22 22.04 1.47
CA MET A 31 13.52 20.82 0.72
C MET A 31 13.00 20.86 -0.73
N VAL A 32 11.81 21.42 -0.93
CA VAL A 32 11.28 21.49 -2.29
C VAL A 32 12.15 22.49 -3.07
N GLU A 33 12.50 23.57 -2.40
CA GLU A 33 13.19 24.66 -3.04
C GLU A 33 14.59 24.24 -3.38
N GLY A 34 15.18 23.41 -2.54
CA GLY A 34 16.50 22.91 -2.84
C GLY A 34 16.48 21.73 -3.80
N GLY A 35 15.35 21.50 -4.47
CA GLY A 35 15.25 20.41 -5.44
C GLY A 35 15.29 19.00 -4.87
N LYS A 36 15.16 18.90 -3.55
CA LYS A 36 15.22 17.61 -2.86
C LYS A 36 13.90 16.85 -2.90
N VAL A 37 12.88 17.46 -3.48
CA VAL A 37 11.59 16.82 -3.61
C VAL A 37 11.20 16.83 -5.06
N HIS A 38 10.82 15.68 -5.62
CA HIS A 38 10.25 15.66 -6.97
C HIS A 38 8.74 15.45 -6.95
N TYR A 39 8.06 16.06 -7.91
CA TYR A 39 6.63 15.88 -8.11
C TYR A 39 6.47 15.42 -9.54
N ASN A 40 5.91 14.22 -9.68
CA ASN A 40 5.83 13.53 -10.96
C ASN A 40 7.13 13.51 -11.78
N GLY A 41 8.24 13.25 -11.08
CA GLY A 41 9.55 13.16 -11.71
C GLY A 41 10.21 14.46 -12.10
N GLN A 42 9.73 15.55 -11.53
CA GLN A 42 10.28 16.85 -11.87
C GLN A 42 10.47 17.71 -10.62
N ARG A 43 11.39 18.68 -10.69
CA ARG A 43 11.53 19.66 -9.61
C ARG A 43 10.28 20.55 -9.58
N ALA A 44 9.92 21.04 -8.40
CA ALA A 44 8.66 21.79 -8.30
C ALA A 44 8.75 22.96 -7.34
N LYS A 45 7.76 23.84 -7.44
CA LYS A 45 7.56 24.93 -6.50
C LYS A 45 6.89 24.37 -5.27
N PRO A 46 7.26 24.90 -4.09
CA PRO A 46 6.61 24.45 -2.86
C PRO A 46 5.20 24.99 -2.77
N SER A 47 4.80 25.79 -3.76
CA SER A 47 3.45 26.29 -3.82
C SER A 47 2.56 25.47 -4.79
N LYS A 48 3.12 24.49 -5.48
CA LYS A 48 2.28 23.64 -6.34
C LYS A 48 1.16 22.99 -5.54
N SER A 49 -0.06 23.10 -6.07
CA SER A 49 -1.22 22.53 -5.42
C SER A 49 -1.18 21.01 -5.59
N VAL A 50 -1.33 20.31 -4.48
CA VAL A 50 -1.23 18.87 -4.43
C VAL A 50 -2.48 18.20 -5.01
N GLU A 51 -2.27 17.12 -5.76
CA GLU A 51 -3.36 16.26 -6.28
C GLU A 51 -3.27 14.81 -5.79
N ILE A 52 -4.43 14.21 -5.51
CA ILE A 52 -4.54 12.77 -5.33
C ILE A 52 -3.98 11.94 -6.49
N GLY A 53 -3.16 10.95 -6.15
CA GLY A 53 -2.58 10.07 -7.13
C GLY A 53 -1.29 10.62 -7.70
N ALA A 54 -0.82 11.76 -7.21
CA ALA A 54 0.46 12.31 -7.67
C ALA A 54 1.59 11.50 -7.07
N GLN A 55 2.73 11.48 -7.74
CA GLN A 55 3.90 10.77 -7.24
C GLN A 55 4.95 11.73 -6.65
N ILE A 56 5.22 11.57 -5.36
CA ILE A 56 6.29 12.32 -4.71
C ILE A 56 7.52 11.48 -4.37
N THR A 57 8.67 11.98 -4.78
CA THR A 57 9.94 11.35 -4.47
C THR A 57 10.75 12.29 -3.59
N LEU A 58 11.10 11.83 -2.39
CA LEU A 58 11.75 12.72 -1.42
C LEU A 58 12.91 12.08 -0.65
N ARG A 59 13.80 12.96 -0.18
CA ARG A 59 14.95 12.62 0.61
C ARG A 59 14.61 12.82 2.06
N GLN A 60 14.80 11.79 2.87
CA GLN A 60 14.58 11.94 4.29
C GLN A 60 15.91 11.94 5.01
N GLY A 61 16.46 10.75 5.25
CA GLY A 61 17.75 10.69 5.91
C GLY A 61 18.80 10.60 4.83
N HIS A 62 19.30 9.39 4.61
CA HIS A 62 20.23 9.10 3.54
C HIS A 62 19.49 8.22 2.54
N ASP A 63 18.22 7.97 2.86
CA ASP A 63 17.23 7.25 2.02
C ASP A 63 16.51 8.16 1.01
N GLU A 64 15.98 7.55 -0.06
CA GLU A 64 14.99 8.22 -0.89
C GLU A 64 13.66 7.45 -0.80
N LYS A 65 12.55 8.17 -0.71
CA LYS A 65 11.22 7.54 -0.64
C LYS A 65 10.34 8.00 -1.78
N THR A 66 9.65 7.05 -2.38
CA THR A 66 8.65 7.33 -3.39
C THR A 66 7.27 6.95 -2.86
N ILE A 67 6.38 7.93 -2.79
CA ILE A 67 5.06 7.70 -2.28
C ILE A 67 3.99 8.32 -3.21
N ILE A 68 2.78 7.79 -3.11
CA ILE A 68 1.65 8.35 -3.85
C ILE A 68 0.69 9.06 -2.89
N ILE A 69 0.30 10.28 -3.23
CA ILE A 69 -0.74 10.97 -2.44
C ILE A 69 -2.09 10.20 -2.47
N GLU A 70 -2.54 9.79 -1.28
CA GLU A 70 -3.80 9.05 -1.09
C GLU A 70 -4.92 10.03 -0.70
N LYS A 71 -4.53 11.05 0.05
CA LYS A 71 -5.47 11.96 0.65
C LYS A 71 -4.87 13.33 0.88
N ILE A 72 -5.74 14.32 0.82
CA ILE A 72 -5.31 15.69 0.99
C ILE A 72 -5.81 16.32 2.27
N SER A 73 -4.90 16.51 3.20
CA SER A 73 -5.19 17.28 4.42
C SER A 73 -4.17 18.37 4.63
N ASP A 74 -4.61 19.45 5.27
CA ASP A 74 -3.73 20.55 5.61
C ASP A 74 -3.51 20.60 7.12
N GLN A 75 -3.80 19.46 7.77
CA GLN A 75 -3.69 19.34 9.23
C GLN A 75 -2.60 18.35 9.57
N ARG A 76 -1.70 18.77 10.43
CA ARG A 76 -0.70 17.86 10.90
C ARG A 76 -1.33 17.27 12.14
N ARG A 77 -1.43 15.96 12.15
CA ARG A 77 -2.16 15.27 13.18
C ARG A 77 -1.21 14.27 13.78
N GLY A 78 -1.70 13.46 14.71
CA GLY A 78 -0.87 12.47 15.34
C GLY A 78 -0.31 11.46 14.36
N ALA A 79 0.83 10.88 14.72
CA ALA A 79 1.46 9.85 13.90
C ALA A 79 0.51 8.75 13.45
N PRO A 80 -0.27 8.14 14.38
CA PRO A 80 -1.20 7.14 13.83
C PRO A 80 -2.13 7.73 12.76
N GLU A 81 -2.38 9.02 12.83
CA GLU A 81 -3.42 9.57 11.99
C GLU A 81 -2.90 10.18 10.68
N ALA A 82 -1.59 10.26 10.52
CA ALA A 82 -1.09 10.87 9.31
C ALA A 82 -0.87 9.83 8.21
N GLN A 83 -0.63 8.59 8.61
CA GLN A 83 -0.25 7.55 7.65
C GLN A 83 -1.24 7.35 6.50
N GLN A 84 -2.50 7.67 6.73
CA GLN A 84 -3.58 7.54 5.75
C GLN A 84 -3.51 8.50 4.56
N LEU A 85 -2.65 9.51 4.60
CA LEU A 85 -2.52 10.47 3.47
C LEU A 85 -1.73 9.91 2.28
N TYR A 86 -1.01 8.80 2.50
CA TYR A 86 -0.01 8.32 1.55
C TYR A 86 0.28 6.83 1.68
N ARG A 87 0.74 6.22 0.60
CA ARG A 87 1.37 4.90 0.59
C ARG A 87 2.73 4.96 -0.12
N GLU A 88 3.71 4.20 0.36
CA GLU A 88 4.98 4.05 -0.37
C GLU A 88 4.87 2.92 -1.38
N THR A 89 5.38 3.10 -2.60
CA THR A 89 5.41 2.01 -3.60
C THR A 89 6.24 0.82 -3.14
N ALA A 90 5.92 -0.40 -3.59
CA ALA A 90 6.73 -1.60 -3.28
C ALA A 90 8.15 -1.47 -3.77
N LYS A 91 8.28 -0.91 -4.95
CA LYS A 91 9.55 -0.53 -5.55
C LYS A 91 10.44 0.30 -4.62
N SER A 92 9.94 1.45 -4.19
CA SER A 92 10.64 2.30 -3.21
C SER A 92 10.99 1.54 -1.94
N ILE A 93 10.08 0.69 -1.45
CA ILE A 93 10.32 -0.11 -0.25
C ILE A 93 11.49 -1.08 -0.44
N THR A 94 11.47 -1.88 -1.50
CA THR A 94 12.56 -2.80 -1.76
C THR A 94 13.85 -2.05 -2.01
N LYS A 95 13.76 -0.89 -2.66
CA LYS A 95 14.96 -0.16 -3.01
C LYS A 95 15.63 0.37 -1.75
N ARG A 96 14.80 0.73 -0.77
CA ARG A 96 15.30 1.29 0.48
C ARG A 96 16.09 0.26 1.28
N GLU A 97 15.51 -0.93 1.37
CA GLU A 97 16.09 -2.02 2.14
C GLU A 97 17.27 -2.64 1.39
N ARG A 98 17.28 -2.52 0.07
CA ARG A 98 18.41 -3.01 -0.72
C ARG A 98 19.62 -2.17 -0.46
N ASN A 99 19.44 -0.86 -0.54
CA ASN A 99 20.50 0.07 -0.26
C ASN A 99 20.77 0.02 1.23
N ALA A 100 19.75 -0.35 2.00
CA ALA A 100 19.95 -0.48 3.44
C ALA A 100 20.91 -1.62 3.71
N MET A 101 20.40 -2.86 3.78
CA MET A 101 21.22 -4.05 4.02
C MET A 101 22.63 -3.91 3.45
N MET A 102 22.74 -3.38 2.24
CA MET A 102 24.03 -3.19 1.58
C MET A 102 24.96 -2.20 2.31
N ARG A 103 24.42 -1.51 3.30
CA ARG A 103 25.13 -0.38 3.90
C ARG A 103 26.24 -0.80 4.86
N GLN A 104 25.90 -1.34 6.02
CA GLN A 104 26.95 -1.73 6.97
C GLN A 104 27.29 -3.21 6.87
N LEU A 105 26.55 -3.95 6.05
CA LEU A 105 26.98 -5.30 5.67
C LEU A 105 28.36 -5.13 5.02
N ASN A 106 28.54 -4.02 4.29
CA ASN A 106 29.85 -3.61 3.79
C ASN A 106 30.97 -3.88 4.79
N GLU B 8 -14.58 4.80 -17.87
CA GLU B 8 -15.32 4.23 -16.75
C GLU B 8 -15.40 2.72 -16.88
N GLU B 9 -15.58 2.25 -18.11
CA GLU B 9 -15.51 0.81 -18.40
C GLU B 9 -14.31 0.42 -19.26
N VAL B 10 -13.36 -0.30 -18.68
CA VAL B 10 -12.17 -0.69 -19.41
C VAL B 10 -11.88 -2.18 -19.21
N ARG B 11 -11.40 -2.78 -20.28
CA ARG B 11 -11.01 -4.19 -20.31
C ARG B 11 -9.74 -4.44 -19.49
N LEU B 12 -9.67 -5.66 -19.00
CA LEU B 12 -8.56 -6.10 -18.22
C LEU B 12 -7.25 -5.95 -18.96
N ASP B 13 -7.18 -6.44 -20.21
CA ASP B 13 -5.97 -6.25 -21.03
C ASP B 13 -5.61 -4.78 -21.21
N LYS B 14 -6.63 -3.97 -21.47
CA LYS B 14 -6.42 -2.55 -21.56
C LYS B 14 -5.82 -2.01 -20.27
N TRP B 15 -6.46 -2.34 -19.16
CA TRP B 15 -6.05 -1.84 -17.86
C TRP B 15 -4.63 -2.23 -17.51
N LEU B 16 -4.30 -3.49 -17.74
CA LEU B 16 -2.97 -3.99 -17.50
C LEU B 16 -1.95 -3.21 -18.34
N TRP B 17 -2.35 -2.88 -19.56
CA TRP B 17 -1.55 -2.06 -20.42
C TRP B 17 -1.46 -0.62 -19.91
N ALA B 18 -2.60 -0.04 -19.55
CA ALA B 18 -2.63 1.32 -19.00
C ALA B 18 -1.73 1.44 -17.76
N ALA B 19 -1.65 0.36 -16.97
CA ALA B 19 -0.84 0.33 -15.75
C ALA B 19 0.65 0.07 -16.01
N ARG B 20 0.98 -0.21 -17.26
CA ARG B 20 2.34 -0.48 -17.74
C ARG B 20 2.91 -1.82 -17.23
N PHE B 21 2.04 -2.80 -16.99
CA PHE B 21 2.51 -4.13 -16.60
C PHE B 21 3.03 -4.84 -17.84
N TYR B 22 2.33 -4.70 -18.95
CA TYR B 22 2.86 -5.18 -20.23
C TYR B 22 3.01 -4.07 -21.28
N LYS B 23 4.06 -4.15 -22.10
CA LYS B 23 4.44 -3.10 -23.03
C LYS B 23 3.42 -2.79 -24.11
N THR B 24 2.78 -3.83 -24.61
CA THR B 24 1.75 -3.68 -25.63
C THR B 24 0.40 -4.24 -25.16
N ARG B 25 -0.65 -3.79 -25.82
CA ARG B 25 -2.00 -4.26 -25.58
C ARG B 25 -2.10 -5.72 -26.00
N SER B 26 -1.36 -6.10 -27.04
CA SER B 26 -1.36 -7.49 -27.45
C SER B 26 -0.74 -8.40 -26.41
N LEU B 27 0.42 -8.02 -25.89
CA LEU B 27 1.08 -8.81 -24.86
C LEU B 27 0.20 -9.01 -23.63
N ALA B 28 -0.51 -7.97 -23.22
CA ALA B 28 -1.40 -8.06 -22.06
C ALA B 28 -2.57 -9.03 -22.33
N ARG B 29 -3.16 -8.92 -23.51
CA ARG B 29 -4.22 -9.86 -23.91
C ARG B 29 -3.71 -11.29 -24.11
N ASN B 30 -2.50 -11.47 -24.62
CA ASN B 30 -1.96 -12.82 -24.70
C ASN B 30 -1.69 -13.43 -23.33
N MET B 31 -1.19 -12.58 -22.41
CA MET B 31 -0.87 -13.03 -21.06
C MET B 31 -2.11 -13.49 -20.30
N VAL B 32 -3.23 -12.77 -20.45
CA VAL B 32 -4.45 -13.15 -19.75
C VAL B 32 -4.95 -14.46 -20.31
N GLU B 33 -4.87 -14.59 -21.63
CA GLU B 33 -5.44 -15.70 -22.37
C GLU B 33 -4.68 -16.96 -22.12
N GLY B 34 -3.38 -16.82 -21.93
CA GLY B 34 -2.54 -17.96 -21.60
C GLY B 34 -2.61 -18.33 -20.12
N GLY B 35 -3.64 -17.85 -19.40
CA GLY B 35 -3.82 -18.18 -18.00
C GLY B 35 -2.83 -17.66 -16.99
N LYS B 36 -1.96 -16.75 -17.42
CA LYS B 36 -0.93 -16.13 -16.57
C LYS B 36 -1.42 -14.98 -15.71
N VAL B 37 -2.67 -14.59 -15.89
CA VAL B 37 -3.24 -13.55 -15.05
C VAL B 37 -4.52 -14.04 -14.39
N HIS B 38 -4.60 -13.91 -13.08
CA HIS B 38 -5.82 -14.23 -12.36
C HIS B 38 -6.54 -12.99 -11.98
N TYR B 39 -7.86 -13.10 -11.87
CA TYR B 39 -8.71 -12.04 -11.40
C TYR B 39 -9.50 -12.63 -10.23
N ASN B 40 -9.31 -12.09 -9.03
CA ASN B 40 -9.85 -12.69 -7.80
C ASN B 40 -9.62 -14.20 -7.64
N GLY B 41 -8.42 -14.65 -7.99
CA GLY B 41 -8.05 -16.04 -7.89
C GLY B 41 -8.53 -16.99 -8.99
N GLN B 42 -8.95 -16.44 -10.13
CA GLN B 42 -9.45 -17.28 -11.19
C GLN B 42 -8.91 -16.81 -12.55
N ARG B 43 -8.94 -17.73 -13.52
CA ARG B 43 -8.64 -17.40 -14.90
C ARG B 43 -9.73 -16.44 -15.37
N ALA B 44 -9.43 -15.58 -16.33
CA ALA B 44 -10.43 -14.60 -16.76
C ALA B 44 -10.31 -14.33 -18.25
N LYS B 45 -11.35 -13.71 -18.83
CA LYS B 45 -11.26 -13.24 -20.21
C LYS B 45 -10.51 -11.94 -20.32
N PRO B 46 -9.83 -11.68 -21.45
CA PRO B 46 -9.20 -10.35 -21.50
C PRO B 46 -10.15 -9.16 -21.71
N SER B 47 -11.43 -9.44 -21.94
CA SER B 47 -12.40 -8.39 -22.16
C SER B 47 -13.21 -8.05 -20.91
N LYS B 48 -12.97 -8.82 -19.86
CA LYS B 48 -13.57 -8.52 -18.56
C LYS B 48 -13.26 -7.10 -18.10
N SER B 49 -14.31 -6.40 -17.69
CA SER B 49 -14.22 -5.05 -17.15
C SER B 49 -13.69 -5.05 -15.73
N VAL B 50 -12.72 -4.19 -15.47
CA VAL B 50 -12.06 -4.11 -14.18
C VAL B 50 -12.94 -3.46 -13.10
N GLU B 51 -12.87 -4.00 -11.88
CA GLU B 51 -13.55 -3.41 -10.71
C GLU B 51 -12.52 -2.92 -9.70
N ILE B 52 -12.78 -1.77 -9.10
CA ILE B 52 -12.09 -1.33 -7.88
C ILE B 52 -12.17 -2.33 -6.73
N GLY B 53 -11.01 -2.63 -6.13
CA GLY B 53 -10.93 -3.58 -5.05
C GLY B 53 -10.75 -4.99 -5.55
N ALA B 54 -10.60 -5.16 -6.86
CA ALA B 54 -10.37 -6.49 -7.40
C ALA B 54 -8.93 -6.91 -7.17
N GLN B 55 -8.69 -8.22 -7.08
CA GLN B 55 -7.35 -8.77 -6.88
C GLN B 55 -6.83 -9.36 -8.18
N ILE B 56 -5.76 -8.78 -8.73
CA ILE B 56 -5.08 -9.37 -9.86
C ILE B 56 -3.76 -10.02 -9.42
N THR B 57 -3.53 -11.24 -9.90
CA THR B 57 -2.27 -11.99 -9.73
C THR B 57 -1.68 -12.21 -11.13
N LEU B 58 -0.47 -11.68 -11.33
CA LEU B 58 0.18 -11.65 -12.63
C LEU B 58 1.63 -12.03 -12.55
N ARG B 59 2.15 -12.50 -13.68
CA ARG B 59 3.56 -12.86 -13.79
C ARG B 59 4.42 -11.83 -14.55
N GLN B 60 5.44 -11.32 -13.87
CA GLN B 60 6.39 -10.41 -14.51
C GLN B 60 7.80 -11.01 -14.50
N GLY B 61 8.26 -11.40 -15.68
CA GLY B 61 9.58 -12.01 -15.83
C GLY B 61 9.57 -13.31 -15.06
N HIS B 62 10.22 -13.30 -13.89
CA HIS B 62 10.21 -14.44 -13.00
C HIS B 62 9.41 -14.15 -11.73
N ASP B 63 8.92 -12.94 -11.59
CA ASP B 63 8.13 -12.60 -10.43
C ASP B 63 6.65 -12.96 -10.55
N GLU B 64 6.03 -13.15 -9.40
CA GLU B 64 4.58 -13.15 -9.25
C GLU B 64 4.25 -11.91 -8.46
N LYS B 65 3.22 -11.21 -8.89
CA LYS B 65 2.73 -10.01 -8.22
C LYS B 65 1.24 -10.13 -8.02
N THR B 66 0.77 -9.76 -6.83
CA THR B 66 -0.64 -9.67 -6.55
C THR B 66 -0.89 -8.20 -6.25
N ILE B 67 -1.77 -7.54 -7.01
CA ILE B 67 -1.98 -6.13 -6.79
C ILE B 67 -3.48 -5.94 -6.60
N ILE B 68 -3.89 -4.89 -5.89
CA ILE B 68 -5.31 -4.57 -5.74
C ILE B 68 -5.61 -3.36 -6.59
N ILE B 69 -6.64 -3.43 -7.44
CA ILE B 69 -7.00 -2.28 -8.24
C ILE B 69 -7.49 -1.12 -7.39
N GLU B 70 -6.80 0.01 -7.49
CA GLU B 70 -7.18 1.19 -6.70
C GLU B 70 -8.06 2.07 -7.58
N LYS B 71 -7.70 2.16 -8.86
CA LYS B 71 -8.25 3.10 -9.81
C LYS B 71 -8.32 2.56 -11.24
N ILE B 72 -9.30 3.06 -11.99
CA ILE B 72 -9.61 2.67 -13.36
C ILE B 72 -9.28 3.71 -14.42
N SER B 73 -8.27 3.46 -15.25
CA SER B 73 -7.99 4.33 -16.39
C SER B 73 -7.89 3.56 -17.69
N ASP B 74 -8.25 4.20 -18.81
CA ASP B 74 -8.04 3.55 -20.09
C ASP B 74 -6.90 4.23 -20.85
N GLN B 75 -6.11 5.00 -20.12
CA GLN B 75 -5.02 5.77 -20.72
C GLN B 75 -3.66 5.31 -20.22
N ARG B 76 -2.75 5.10 -21.17
CA ARG B 76 -1.39 4.72 -20.81
C ARG B 76 -0.55 5.98 -20.64
N ARG B 77 0.05 6.12 -19.47
CA ARG B 77 0.66 7.37 -19.10
C ARG B 77 2.09 7.13 -18.73
N GLY B 78 2.79 8.21 -18.42
CA GLY B 78 4.16 8.16 -18.01
C GLY B 78 4.19 7.32 -16.77
N ALA B 79 5.31 6.64 -16.54
CA ALA B 79 5.49 5.78 -15.39
C ALA B 79 5.09 6.39 -14.04
N PRO B 80 5.58 7.61 -13.71
CA PRO B 80 5.20 8.17 -12.41
C PRO B 80 3.70 8.26 -12.24
N GLU B 81 2.97 8.33 -13.35
CA GLU B 81 1.56 8.59 -13.27
C GLU B 81 0.67 7.32 -13.34
N ALA B 82 1.27 6.17 -13.60
CA ALA B 82 0.50 4.95 -13.74
C ALA B 82 0.38 4.20 -12.42
N GLN B 83 1.36 4.43 -11.55
CA GLN B 83 1.43 3.73 -10.26
C GLN B 83 0.21 3.89 -9.36
N GLN B 84 -0.51 4.97 -9.55
CA GLN B 84 -1.67 5.29 -8.74
C GLN B 84 -2.86 4.35 -8.95
N LEU B 85 -2.83 3.55 -10.01
CA LEU B 85 -3.92 2.62 -10.30
C LEU B 85 -3.97 1.33 -9.45
N TYR B 86 -2.91 1.03 -8.71
CA TYR B 86 -2.75 -0.26 -8.05
C TYR B 86 -1.84 -0.21 -6.81
N ARG B 87 -2.11 -1.07 -5.83
CA ARG B 87 -1.13 -1.34 -4.79
C ARG B 87 -0.86 -2.87 -4.74
N GLU B 88 0.41 -3.24 -4.57
CA GLU B 88 0.78 -4.62 -4.37
C GLU B 88 0.61 -4.97 -2.92
N THR B 89 0.02 -6.14 -2.65
CA THR B 89 -0.14 -6.61 -1.27
C THR B 89 1.19 -6.79 -0.54
N ALA B 90 1.19 -6.63 0.78
CA ALA B 90 2.36 -6.92 1.60
C ALA B 90 2.78 -8.39 1.46
N LYS B 91 1.79 -9.27 1.38
CA LYS B 91 2.02 -10.68 1.13
C LYS B 91 2.90 -10.89 -0.06
N SER B 92 2.43 -10.39 -1.20
CA SER B 92 3.16 -10.49 -2.45
C SER B 92 4.56 -9.90 -2.37
N ILE B 93 4.73 -8.75 -1.71
CA ILE B 93 6.04 -8.12 -1.72
C ILE B 93 7.12 -8.99 -1.05
N THR B 94 6.84 -9.41 0.18
CA THR B 94 7.77 -10.22 0.95
C THR B 94 8.06 -11.54 0.25
N LYS B 95 7.01 -12.09 -0.34
CA LYS B 95 7.10 -13.34 -1.05
C LYS B 95 7.95 -13.17 -2.31
N ARG B 96 7.80 -12.01 -2.94
CA ARG B 96 8.49 -11.72 -4.19
C ARG B 96 9.97 -11.56 -3.95
N GLU B 97 10.31 -10.89 -2.87
CA GLU B 97 11.70 -10.63 -2.51
C GLU B 97 12.40 -11.84 -1.88
N ARG B 98 11.62 -12.72 -1.27
CA ARG B 98 12.18 -13.93 -0.73
C ARG B 98 12.67 -14.86 -1.82
N ASN B 99 11.92 -14.99 -2.90
CA ASN B 99 12.38 -15.79 -4.02
C ASN B 99 13.52 -15.08 -4.74
N ALA B 100 13.54 -13.76 -4.65
CA ALA B 100 14.60 -12.95 -5.26
C ALA B 100 15.88 -13.38 -4.59
N MET B 101 15.84 -13.33 -3.26
CA MET B 101 16.94 -13.73 -2.44
C MET B 101 17.51 -15.03 -2.95
N MET B 102 16.72 -16.09 -2.76
CA MET B 102 17.11 -17.45 -3.08
C MET B 102 17.90 -17.66 -4.35
N ARG B 103 17.63 -16.80 -5.32
CA ARG B 103 18.23 -17.01 -6.62
C ARG B 103 19.67 -16.56 -6.53
N GLN B 104 19.93 -15.55 -5.72
CA GLN B 104 21.30 -15.19 -5.52
C GLN B 104 22.12 -16.29 -4.85
N LEU B 105 21.65 -16.79 -3.71
CA LEU B 105 22.22 -17.99 -3.06
C LEU B 105 22.35 -19.33 -3.84
N ASN B 106 21.37 -19.58 -4.71
CA ASN B 106 21.22 -20.82 -5.49
C ASN B 106 22.24 -21.91 -5.27
N GLU C 8 -23.04 0.23 6.77
CA GLU C 8 -22.36 1.51 6.98
C GLU C 8 -21.81 1.63 8.42
N GLU C 9 -22.52 1.11 9.42
CA GLU C 9 -21.96 1.12 10.78
C GLU C 9 -21.52 -0.27 11.22
N VAL C 10 -20.22 -0.42 11.42
CA VAL C 10 -19.66 -1.71 11.78
C VAL C 10 -18.74 -1.68 12.99
N ARG C 11 -18.95 -2.67 13.84
CA ARG C 11 -18.15 -2.91 15.01
C ARG C 11 -16.76 -3.39 14.62
N LEU C 12 -15.80 -2.99 15.45
CA LEU C 12 -14.42 -3.37 15.32
C LEU C 12 -14.21 -4.87 15.33
N ASP C 13 -14.78 -5.56 16.32
CA ASP C 13 -14.69 -7.02 16.33
C ASP C 13 -15.21 -7.58 14.99
N LYS C 14 -16.40 -7.13 14.59
CA LYS C 14 -17.01 -7.49 13.31
C LYS C 14 -16.10 -7.21 12.12
N TRP C 15 -15.50 -6.01 12.08
CA TRP C 15 -14.66 -5.64 10.96
C TRP C 15 -13.47 -6.58 10.85
N LEU C 16 -12.86 -6.85 12.00
CA LEU C 16 -11.73 -7.75 12.08
C LEU C 16 -12.08 -9.14 11.57
N TRP C 17 -13.29 -9.59 11.88
CA TRP C 17 -13.78 -10.83 11.35
C TRP C 17 -13.97 -10.77 9.85
N ALA C 18 -14.63 -9.71 9.37
CA ALA C 18 -14.80 -9.51 7.93
C ALA C 18 -13.45 -9.43 7.19
N ALA C 19 -12.45 -8.83 7.83
CA ALA C 19 -11.14 -8.67 7.20
C ALA C 19 -10.30 -9.94 7.28
N ARG C 20 -10.83 -10.93 8.00
CA ARG C 20 -10.23 -12.24 8.13
C ARG C 20 -8.94 -12.25 8.94
N PHE C 21 -8.86 -11.33 9.90
CA PHE C 21 -7.79 -11.30 10.87
C PHE C 21 -8.00 -12.38 11.94
N TYR C 22 -9.23 -12.55 12.41
CA TYR C 22 -9.54 -13.69 13.26
C TYR C 22 -10.62 -14.52 12.58
N LYS C 23 -10.59 -15.84 12.77
CA LYS C 23 -11.50 -16.77 12.10
C LYS C 23 -12.93 -16.59 12.51
N THR C 24 -13.13 -16.25 13.77
CA THR C 24 -14.47 -16.08 14.30
C THR C 24 -14.66 -14.71 14.90
N ARG C 25 -15.92 -14.30 15.02
CA ARG C 25 -16.26 -13.03 15.64
C ARG C 25 -16.01 -13.00 17.13
N SER C 26 -16.19 -14.15 17.76
CA SER C 26 -16.07 -14.20 19.20
C SER C 26 -14.63 -14.01 19.62
N LEU C 27 -13.71 -14.71 18.96
CA LEU C 27 -12.27 -14.54 19.21
C LEU C 27 -11.84 -13.09 18.99
N ALA C 28 -12.42 -12.42 18.00
CA ALA C 28 -12.09 -11.02 17.73
C ALA C 28 -12.42 -10.11 18.90
N ARG C 29 -13.60 -10.30 19.49
CA ARG C 29 -14.00 -9.54 20.69
C ARG C 29 -13.16 -9.90 21.92
N ASN C 30 -12.77 -11.17 22.08
CA ASN C 30 -11.87 -11.52 23.17
C ASN C 30 -10.52 -10.86 23.00
N MET C 31 -10.03 -10.81 21.76
CA MET C 31 -8.76 -10.18 21.43
C MET C 31 -8.76 -8.66 21.71
N VAL C 32 -9.87 -7.99 21.41
CA VAL C 32 -10.01 -6.55 21.66
C VAL C 32 -10.11 -6.28 23.17
N GLU C 33 -10.78 -7.18 23.88
CA GLU C 33 -11.00 -7.02 25.30
C GLU C 33 -9.69 -7.23 26.07
N GLY C 34 -8.86 -8.13 25.57
CA GLY C 34 -7.55 -8.40 26.15
C GLY C 34 -6.41 -7.46 25.78
N GLY C 35 -6.74 -6.31 25.20
CA GLY C 35 -5.75 -5.30 24.85
C GLY C 35 -4.77 -5.66 23.73
N LYS C 36 -4.99 -6.79 23.09
CA LYS C 36 -4.11 -7.23 22.02
C LYS C 36 -4.40 -6.54 20.69
N VAL C 37 -5.41 -5.68 20.67
CA VAL C 37 -5.73 -4.91 19.48
C VAL C 37 -5.77 -3.42 19.80
N HIS C 38 -5.00 -2.62 19.07
CA HIS C 38 -5.12 -1.18 19.29
C HIS C 38 -5.89 -0.48 18.18
N TYR C 39 -6.59 0.58 18.54
CA TYR C 39 -7.31 1.40 17.58
C TYR C 39 -6.79 2.83 17.72
N ASN C 40 -6.16 3.33 16.66
CA ASN C 40 -5.38 4.58 16.72
C ASN C 40 -4.40 4.67 17.93
N GLY C 41 -3.68 3.58 18.19
CA GLY C 41 -2.67 3.54 19.24
C GLY C 41 -3.15 3.47 20.67
N GLN C 42 -4.41 3.09 20.85
CA GLN C 42 -5.07 3.05 22.15
C GLN C 42 -5.85 1.74 22.26
N ARG C 43 -6.11 1.31 23.48
CA ARG C 43 -7.04 0.20 23.74
C ARG C 43 -8.48 0.65 23.46
N ALA C 44 -9.33 -0.27 23.01
CA ALA C 44 -10.68 0.10 22.60
C ALA C 44 -11.69 -0.95 22.98
N LYS C 45 -12.96 -0.59 22.90
CA LYS C 45 -14.06 -1.53 23.05
C LYS C 45 -14.25 -2.27 21.73
N PRO C 46 -14.70 -3.53 21.79
CA PRO C 46 -14.99 -4.23 20.55
C PRO C 46 -16.26 -3.75 19.87
N SER C 47 -16.97 -2.81 20.48
CA SER C 47 -18.20 -2.28 19.89
C SER C 47 -18.00 -0.95 19.19
N LYS C 48 -16.80 -0.43 19.27
CA LYS C 48 -16.44 0.80 18.55
C LYS C 48 -16.72 0.69 17.05
N SER C 49 -17.38 1.71 16.48
CA SER C 49 -17.63 1.74 15.03
C SER C 49 -16.37 2.16 14.29
N VAL C 50 -15.98 1.39 13.27
CA VAL C 50 -14.73 1.63 12.55
C VAL C 50 -14.80 2.86 11.65
N GLU C 51 -13.66 3.54 11.46
CA GLU C 51 -13.54 4.61 10.48
C GLU C 51 -12.53 4.29 9.36
N ILE C 52 -12.85 4.74 8.15
CA ILE C 52 -11.88 4.86 7.04
C ILE C 52 -10.63 5.67 7.38
N GLY C 53 -9.46 5.11 7.15
CA GLY C 53 -8.22 5.81 7.46
C GLY C 53 -7.77 5.64 8.91
N ALA C 54 -8.45 4.79 9.68
CA ALA C 54 -8.02 4.52 11.04
C ALA C 54 -6.83 3.55 11.04
N GLN C 55 -6.05 3.58 12.12
CA GLN C 55 -4.89 2.69 12.29
C GLN C 55 -5.18 1.54 13.28
N ILE C 56 -5.12 0.31 12.79
CA ILE C 56 -5.22 -0.85 13.67
C ILE C 56 -3.85 -1.54 13.88
N THR C 57 -3.51 -1.80 15.15
CA THR C 57 -2.33 -2.58 15.50
C THR C 57 -2.77 -3.86 16.19
N LEU C 58 -2.41 -5.01 15.62
CA LEU C 58 -2.83 -6.31 16.14
C LEU C 58 -1.76 -7.37 16.08
N ARG C 59 -1.89 -8.40 16.91
CA ARG C 59 -1.00 -9.55 16.84
C ARG C 59 -1.65 -10.72 16.08
N GLN C 60 -1.02 -11.15 14.99
CA GLN C 60 -1.47 -12.35 14.33
C GLN C 60 -0.39 -13.41 14.48
N GLY C 61 -0.37 -14.01 15.68
CA GLY C 61 0.56 -15.08 16.02
C GLY C 61 1.72 -14.65 16.88
N HIS C 62 2.90 -14.53 16.27
CA HIS C 62 4.07 -14.03 16.98
C HIS C 62 4.49 -12.69 16.37
N ASP C 63 3.78 -12.31 15.31
CA ASP C 63 3.92 -10.99 14.68
C ASP C 63 2.99 -9.90 15.17
N GLU C 64 3.44 -8.67 14.95
CA GLU C 64 2.64 -7.46 15.05
C GLU C 64 2.42 -6.89 13.66
N LYS C 65 1.19 -6.48 13.40
CA LYS C 65 0.83 -5.83 12.14
C LYS C 65 0.16 -4.50 12.39
N THR C 66 0.54 -3.48 11.63
CA THR C 66 -0.16 -2.20 11.66
C THR C 66 -0.76 -1.95 10.29
N ILE C 67 -2.07 -1.82 10.21
CA ILE C 67 -2.71 -1.63 8.91
C ILE C 67 -3.63 -0.42 8.92
N ILE C 68 -3.85 0.14 7.75
CA ILE C 68 -4.82 1.23 7.62
C ILE C 68 -6.10 0.78 6.93
N ILE C 69 -7.23 1.03 7.59
CA ILE C 69 -8.53 0.72 7.03
C ILE C 69 -8.79 1.48 5.75
N GLU C 70 -8.99 0.71 4.68
CA GLU C 70 -9.22 1.28 3.37
C GLU C 70 -10.71 1.36 3.10
N LYS C 71 -11.45 0.38 3.62
CA LYS C 71 -12.81 0.17 3.26
C LYS C 71 -13.56 -0.43 4.45
N ILE C 72 -14.85 -0.10 4.55
CA ILE C 72 -15.73 -0.54 5.62
C ILE C 72 -16.75 -1.51 5.06
N SER C 73 -16.64 -2.76 5.46
CA SER C 73 -17.62 -3.80 5.13
C SER C 73 -18.00 -4.63 6.37
N ASP C 74 -19.21 -5.15 6.35
CA ASP C 74 -19.62 -6.03 7.43
C ASP C 74 -19.77 -7.45 6.94
N GLN C 75 -19.20 -7.71 5.79
CA GLN C 75 -19.36 -9.02 5.19
C GLN C 75 -18.03 -9.71 5.20
N ARG C 76 -17.97 -10.93 5.69
CA ARG C 76 -16.76 -11.71 5.57
C ARG C 76 -16.84 -12.49 4.28
N ARG C 77 -15.83 -12.32 3.45
CA ARG C 77 -15.86 -12.86 2.11
C ARG C 77 -14.63 -13.70 1.89
N GLY C 78 -14.43 -14.20 0.68
CA GLY C 78 -13.25 -14.96 0.37
C GLY C 78 -11.98 -14.15 0.53
N ALA C 79 -10.89 -14.87 0.82
CA ALA C 79 -9.58 -14.26 0.99
C ALA C 79 -9.21 -13.26 -0.12
N PRO C 80 -9.36 -13.62 -1.42
CA PRO C 80 -8.99 -12.57 -2.39
C PRO C 80 -9.78 -11.26 -2.22
N GLU C 81 -10.99 -11.33 -1.69
CA GLU C 81 -11.87 -10.18 -1.64
C GLU C 81 -11.80 -9.41 -0.33
N ALA C 82 -11.03 -9.88 0.65
CA ALA C 82 -10.96 -9.19 1.93
C ALA C 82 -9.81 -8.19 1.97
N GLN C 83 -8.81 -8.41 1.13
CA GLN C 83 -7.60 -7.61 1.10
C GLN C 83 -7.81 -6.11 0.80
N GLN C 84 -8.90 -5.78 0.12
CA GLN C 84 -9.21 -4.43 -0.27
C GLN C 84 -9.59 -3.52 0.88
N LEU C 85 -9.88 -4.10 2.03
CA LEU C 85 -10.29 -3.33 3.17
C LEU C 85 -9.13 -2.61 3.85
N TYR C 86 -7.88 -3.00 3.58
CA TYR C 86 -6.74 -2.53 4.36
C TYR C 86 -5.44 -2.60 3.56
N ARG C 87 -4.50 -1.71 3.90
CA ARG C 87 -3.12 -1.89 3.49
C ARG C 87 -2.22 -1.86 4.73
N GLU C 88 -1.20 -2.70 4.72
CA GLU C 88 -0.20 -2.67 5.77
C GLU C 88 0.81 -1.58 5.42
N THR C 89 1.18 -0.78 6.41
CA THR C 89 2.21 0.27 6.28
C THR C 89 3.60 -0.24 5.90
N ALA C 90 4.40 0.62 5.28
CA ALA C 90 5.78 0.27 4.99
C ALA C 90 6.56 -0.04 6.28
N LYS C 91 6.31 0.76 7.30
CA LYS C 91 6.83 0.53 8.63
C LYS C 91 6.55 -0.86 9.18
N SER C 92 5.28 -1.25 9.21
CA SER C 92 4.88 -2.57 9.71
C SER C 92 5.56 -3.72 8.95
N ILE C 93 5.64 -3.59 7.62
CA ILE C 93 6.24 -4.60 6.77
C ILE C 93 7.72 -4.82 7.04
N THR C 94 8.47 -3.73 6.98
CA THR C 94 9.90 -3.84 7.17
C THR C 94 10.18 -4.39 8.55
N LYS C 95 9.37 -3.96 9.53
CA LYS C 95 9.54 -4.38 10.92
C LYS C 95 9.16 -5.86 11.12
N ARG C 96 8.14 -6.35 10.39
CA ARG C 96 7.73 -7.75 10.50
C ARG C 96 8.84 -8.60 9.92
N GLU C 97 9.38 -8.14 8.81
CA GLU C 97 10.42 -8.91 8.16
C GLU C 97 11.72 -8.80 8.94
N ARG C 98 11.91 -7.70 9.69
CA ARG C 98 13.13 -7.52 10.48
C ARG C 98 13.21 -8.54 11.60
N ASN C 99 12.12 -8.68 12.33
CA ASN C 99 12.06 -9.63 13.42
C ASN C 99 11.95 -11.10 12.98
N ALA C 100 11.39 -11.32 11.81
CA ALA C 100 11.19 -12.69 11.31
C ALA C 100 12.49 -13.41 10.98
N MET C 101 13.29 -12.86 10.06
CA MET C 101 14.53 -13.50 9.69
C MET C 101 15.56 -13.35 10.79
N MET C 102 15.07 -12.94 11.95
CA MET C 102 15.86 -12.73 13.13
C MET C 102 15.81 -13.94 14.02
N ARG C 103 14.72 -14.69 13.86
CA ARG C 103 14.35 -15.70 14.82
C ARG C 103 15.19 -16.97 14.72
N GLN C 104 15.52 -17.44 13.53
CA GLN C 104 16.29 -18.68 13.47
C GLN C 104 17.82 -18.60 13.33
N LEU C 105 18.36 -17.61 12.62
CA LEU C 105 19.82 -17.35 12.64
C LEU C 105 20.29 -17.13 14.07
N ASN C 106 19.36 -16.64 14.88
CA ASN C 106 19.45 -16.39 16.31
C ASN C 106 20.78 -16.72 17.00
S SO4 D . 4.60 16.95 16.91
O1 SO4 D . 3.30 17.32 16.30
O2 SO4 D . 4.95 17.88 17.99
O3 SO4 D . 5.68 17.00 15.91
O4 SO4 D . 4.54 15.60 17.54
C1 MPD E . -11.37 10.78 0.87
C2 MPD E . -11.82 9.75 1.89
O2 MPD E . -11.34 8.49 1.51
CM MPD E . -11.35 10.05 3.30
C3 MPD E . -13.32 9.64 1.79
C4 MPD E . -14.22 10.03 2.95
O4 MPD E . -15.49 9.87 2.37
C5 MPD E . -14.29 9.17 4.21
S SO4 F . 5.71 4.04 -24.13
O1 SO4 F . 5.28 3.59 -25.46
O2 SO4 F . 4.55 4.62 -23.44
O3 SO4 F . 6.73 5.09 -24.26
O4 SO4 F . 6.26 2.91 -23.36
C1 MPD G . -9.68 7.83 -5.80
C2 MPD G . -9.66 8.65 -7.07
O2 MPD G . -8.36 9.09 -7.30
CM MPD G . -10.13 7.82 -8.24
C3 MPD G . -10.21 10.02 -6.94
C4 MPD G . -11.68 10.20 -7.07
O4 MPD G . -11.67 11.42 -6.48
C5 MPD G . -12.16 10.51 -8.50
S SO4 H . -14.12 -19.21 6.24
O1 SO4 H . -14.45 -20.58 5.88
O2 SO4 H . -15.21 -18.26 5.89
O3 SO4 H . -12.90 -18.85 5.51
O4 SO4 H . -13.85 -19.16 7.68
C1 MPD I . -15.21 0.23 -2.83
C2 MPD I . -14.74 1.56 -3.41
O2 MPD I . -13.39 1.78 -3.10
CM MPD I . -14.92 1.62 -4.91
C3 MPD I . -15.54 2.73 -2.89
C4 MPD I . -15.54 2.78 -1.38
O4 MPD I . -14.30 3.30 -1.00
C5 MPD I . -16.65 3.72 -0.95
#